data_4XGJ
#
_entry.id   4XGJ
#
_cell.length_a   153.772
_cell.length_b   47.844
_cell.length_c   63.792
_cell.angle_alpha   90.00
_cell.angle_beta   106.69
_cell.angle_gamma   90.00
#
_symmetry.space_group_name_H-M   'C 1 2 1'
#
loop_
_entity.id
_entity.type
_entity.pdbx_description
1 polymer 'Uncharacterized protein'
2 water water
#
_entity_poly.entity_id   1
_entity_poly.type   'polypeptide(L)'
_entity_poly.pdbx_seq_one_letter_code
;(MSE)HHHHHHSSGVDLGTENLYFQS(MSE)PNVQQSAGQVLVVADDFTGANDAGVGLAQHGARVSVVFDVNTLHADLLG
DAVVINTDSRAARDDVASQRTAAAVAAWQAVGGKGWIIKKIDSTLRGNLGAEVAAALSAADVPVALIAAASPTLGRVTRQ
GEVWVNGRRLTDTEFASDPKTPVTSASIAARLAEQTALPVAEIHLDEVRQANLAHRLQQLADEGTRLIILDTDVQDDLTH
IVNAARALPFRPLLVGSAGLSDALATAQDFTRKTEKPLLAVVGS(MSE)SDIAQKQIAAARLRSDVTLVEIDINALFSPD
SSTV(MSE)ASQCEDALKALTNGHHCIIRTCHNENQRFEIDARCRELGLSRQQLGETISHYLGELTRSIVQALDSLAADG
TRRRLPGGLYLSGGDIAIAVATALGATGFQIKGQIASCVPWGYLLNSIVG(MSE)TPV(MSE)TKAGGFGNETTLLDVLR
FIEEKVSE
;
_entity_poly.pdbx_strand_id   A
#
# COMPACT_ATOMS: atom_id res chain seq x y z
N GLY A 31 -12.82 -5.77 -7.54
CA GLY A 31 -11.55 -5.87 -6.85
C GLY A 31 -10.41 -5.14 -7.56
N GLN A 32 -10.62 -4.81 -8.84
CA GLN A 32 -9.57 -4.16 -9.62
C GLN A 32 -9.69 -2.63 -9.58
N VAL A 33 -8.58 -1.95 -9.73
CA VAL A 33 -8.56 -0.49 -9.79
C VAL A 33 -7.95 -0.01 -11.10
N LEU A 34 -8.58 1.00 -11.70
CA LEU A 34 -8.02 1.78 -12.80
C LEU A 34 -7.74 3.17 -12.32
N VAL A 35 -6.49 3.60 -12.52
CA VAL A 35 -6.13 4.97 -12.26
C VAL A 35 -5.90 5.67 -13.57
N VAL A 36 -6.57 6.81 -13.78
CA VAL A 36 -6.33 7.62 -14.98
C VAL A 36 -5.76 8.94 -14.51
N ALA A 37 -4.47 9.17 -14.81
CA ALA A 37 -3.77 10.40 -14.38
C ALA A 37 -3.41 11.26 -15.57
N ASP A 38 -3.27 12.58 -15.35
CA ASP A 38 -2.97 13.49 -16.45
C ASP A 38 -1.48 13.78 -16.62
N ASP A 39 -0.67 13.27 -15.72
CA ASP A 39 0.76 13.37 -15.89
C ASP A 39 1.56 12.26 -15.19
N PHE A 40 2.86 12.32 -15.42
CA PHE A 40 3.88 11.37 -14.93
C PHE A 40 3.84 11.21 -13.42
N THR A 41 3.85 12.33 -12.71
CA THR A 41 3.91 12.29 -11.27
C THR A 41 2.63 11.82 -10.64
N GLY A 42 1.49 12.21 -11.20
CA GLY A 42 0.25 11.72 -10.69
C GLY A 42 0.20 10.21 -10.85
N ALA A 43 0.70 9.72 -11.97
CA ALA A 43 0.59 8.29 -12.27
C ALA A 43 1.48 7.47 -11.30
N ASN A 44 2.74 7.87 -11.21
CA ASN A 44 3.66 7.32 -10.21
C ASN A 44 3.15 7.36 -8.78
N ASP A 45 2.71 8.52 -8.32
CA ASP A 45 2.22 8.62 -6.94
C ASP A 45 1.10 7.64 -6.69
N ALA A 46 0.17 7.49 -7.66
CA ALA A 46 -0.89 6.52 -7.54
C ALA A 46 -0.32 5.10 -7.46
N GLY A 47 0.60 4.78 -8.37
CA GLY A 47 1.17 3.45 -8.44
C GLY A 47 1.89 3.09 -7.17
N VAL A 48 2.69 4.02 -6.67
CA VAL A 48 3.41 3.81 -5.43
C VAL A 48 2.46 3.58 -4.25
N GLY A 49 1.42 4.40 -4.14
CA GLY A 49 0.46 4.23 -3.06
C GLY A 49 -0.19 2.87 -3.10
N LEU A 50 -0.56 2.41 -4.30
CA LEU A 50 -1.18 1.10 -4.43
C LEU A 50 -0.21 -0.03 -4.07
N ALA A 51 1.02 0.10 -4.57
CA ALA A 51 2.04 -0.90 -4.30
C ALA A 51 2.36 -1.00 -2.81
N GLN A 52 2.39 0.13 -2.13
CA GLN A 52 2.74 0.16 -0.71
C GLN A 52 1.64 -0.56 0.09
N HIS A 53 0.42 -0.46 -0.40
CA HIS A 53 -0.72 -1.07 0.26
C HIS A 53 -1.01 -2.48 -0.27
N GLY A 54 -0.01 -3.14 -0.89
CA GLY A 54 -0.12 -4.56 -1.28
C GLY A 54 -0.47 -4.91 -2.74
N ALA A 55 -0.83 -3.94 -3.54
CA ALA A 55 -1.29 -4.19 -4.91
C ALA A 55 -0.19 -4.61 -5.88
N ARG A 56 -0.53 -5.51 -6.79
CA ARG A 56 0.23 -5.65 -8.04
C ARG A 56 -0.23 -4.54 -8.97
N VAL A 57 0.68 -3.63 -9.28
CA VAL A 57 0.28 -2.45 -10.01
C VAL A 57 1.26 -2.11 -11.14
N SER A 58 0.72 -1.86 -12.33
CA SER A 58 1.59 -1.33 -13.37
C SER A 58 1.05 -0.12 -14.12
N VAL A 59 1.99 0.72 -14.56
CA VAL A 59 1.72 1.83 -15.45
C VAL A 59 1.82 1.24 -16.83
N VAL A 60 0.81 1.47 -17.67
CA VAL A 60 0.83 0.89 -19.03
C VAL A 60 0.98 2.08 -19.96
N PHE A 61 1.97 2.05 -20.84
CA PHE A 61 2.33 3.26 -21.61
C PHE A 61 1.33 3.55 -22.72
N ASP A 62 0.79 2.50 -23.31
CA ASP A 62 -0.15 2.68 -24.42
C ASP A 62 -1.31 1.76 -24.12
N VAL A 63 -2.51 2.32 -24.10
CA VAL A 63 -3.63 1.49 -23.74
C VAL A 63 -3.80 0.31 -24.68
N ASN A 64 -3.15 0.34 -25.85
CA ASN A 64 -3.27 -0.76 -26.80
C ASN A 64 -2.42 -1.98 -26.42
N THR A 65 -1.67 -1.91 -25.32
CA THR A 65 -1.05 -3.12 -24.81
C THR A 65 -1.80 -3.65 -23.59
N LEU A 66 -2.91 -3.01 -23.25
CA LEU A 66 -3.74 -3.47 -22.12
C LEU A 66 -4.44 -4.82 -22.46
N HIS A 67 -4.32 -5.79 -21.58
CA HIS A 67 -5.04 -7.06 -21.72
C HIS A 67 -5.40 -7.57 -20.34
N ALA A 68 -6.22 -8.60 -20.29
CA ALA A 68 -6.87 -9.03 -19.07
C ALA A 68 -5.91 -9.41 -17.94
N ASP A 69 -4.80 -10.02 -18.27
CA ASP A 69 -3.82 -10.45 -17.26
C ASP A 69 -3.15 -9.28 -16.57
N LEU A 70 -3.22 -8.10 -17.16
CA LEU A 70 -2.62 -6.91 -16.57
C LEU A 70 -3.55 -6.22 -15.58
N LEU A 71 -4.81 -6.61 -15.55
CA LEU A 71 -5.78 -5.94 -14.67
C LEU A 71 -5.52 -6.13 -13.17
N GLY A 72 -5.03 -7.28 -12.72
CA GLY A 72 -4.99 -7.51 -11.27
C GLY A 72 -3.68 -6.93 -10.79
N ASP A 73 -3.68 -6.01 -9.82
CA ASP A 73 -4.81 -5.47 -9.06
C ASP A 73 -5.14 -4.08 -9.53
N ALA A 74 -4.17 -3.42 -10.13
CA ALA A 74 -4.33 -2.06 -10.56
C ALA A 74 -3.56 -1.74 -11.82
N VAL A 75 -4.18 -0.95 -12.69
N VAL A 75 -4.19 -0.94 -12.65
CA VAL A 75 -3.46 -0.41 -13.84
CA VAL A 75 -3.60 -0.41 -13.87
C VAL A 75 -3.63 1.09 -13.89
C VAL A 75 -3.59 1.10 -13.70
N VAL A 76 -2.51 1.75 -14.15
CA VAL A 76 -2.40 3.20 -14.14
C VAL A 76 -2.09 3.66 -15.56
N ILE A 77 -2.86 4.61 -16.04
CA ILE A 77 -2.68 5.19 -17.37
C ILE A 77 -2.38 6.67 -17.22
N ASN A 78 -1.31 7.14 -17.86
CA ASN A 78 -0.94 8.57 -17.93
C ASN A 78 -1.35 9.17 -19.26
N THR A 79 -2.37 10.01 -19.25
CA THR A 79 -2.86 10.58 -20.51
C THR A 79 -2.01 11.74 -21.00
N ASP A 80 -1.09 12.20 -20.15
CA ASP A 80 -0.15 13.27 -20.45
C ASP A 80 -0.85 14.44 -21.13
N SER A 81 -1.92 14.90 -20.48
CA SER A 81 -2.87 15.79 -21.10
C SER A 81 -3.01 17.09 -20.31
N ARG A 82 -2.13 17.32 -19.34
CA ARG A 82 -2.23 18.52 -18.53
C ARG A 82 -2.16 19.80 -19.35
N ALA A 83 -1.38 19.79 -20.41
CA ALA A 83 -1.26 20.97 -21.26
C ALA A 83 -1.90 20.76 -22.62
N ALA A 84 -2.64 19.67 -22.79
CA ALA A 84 -3.23 19.36 -24.08
C ALA A 84 -4.51 20.17 -24.30
N ARG A 85 -5.00 20.18 -25.53
CA ARG A 85 -6.32 20.73 -25.84
C ARG A 85 -7.35 20.01 -25.00
N ASP A 86 -8.42 20.69 -24.66
CA ASP A 86 -9.47 20.09 -23.84
C ASP A 86 -10.14 18.91 -24.53
N ASP A 87 -10.35 19.04 -25.84
CA ASP A 87 -10.97 17.90 -26.53
C ASP A 87 -10.07 16.64 -26.62
N VAL A 88 -8.77 16.83 -26.75
CA VAL A 88 -7.83 15.74 -26.73
C VAL A 88 -7.76 15.10 -25.34
N ALA A 89 -7.67 15.95 -24.31
CA ALA A 89 -7.62 15.46 -22.94
C ALA A 89 -8.84 14.58 -22.68
N SER A 90 -9.98 15.03 -23.14
CA SER A 90 -11.23 14.29 -22.94
C SER A 90 -11.25 12.95 -23.67
N GLN A 91 -10.85 12.99 -24.95
CA GLN A 91 -10.81 11.75 -25.75
C GLN A 91 -9.85 10.73 -25.14
N ARG A 92 -8.68 11.19 -24.70
CA ARG A 92 -7.69 10.26 -24.12
C ARG A 92 -8.19 9.63 -22.80
N THR A 93 -8.93 10.38 -22.02
CA THR A 93 -9.40 9.93 -20.72
C THR A 93 -10.49 8.91 -20.95
N ALA A 94 -11.43 9.25 -21.81
CA ALA A 94 -12.49 8.30 -22.23
C ALA A 94 -11.89 7.01 -22.81
N ALA A 95 -10.92 7.13 -23.70
CA ALA A 95 -10.29 5.96 -24.30
C ALA A 95 -9.63 5.04 -23.26
N ALA A 96 -9.04 5.63 -22.22
CA ALA A 96 -8.34 4.82 -21.20
C ALA A 96 -9.35 3.98 -20.43
N VAL A 97 -10.47 4.60 -20.05
CA VAL A 97 -11.52 3.87 -19.37
C VAL A 97 -12.11 2.77 -20.28
N ALA A 98 -12.43 3.09 -21.52
CA ALA A 98 -13.03 2.12 -22.42
C ALA A 98 -12.10 0.92 -22.66
N ALA A 99 -10.79 1.18 -22.78
CA ALA A 99 -9.82 0.12 -23.00
C ALA A 99 -9.78 -0.86 -21.82
N TRP A 100 -9.79 -0.30 -20.61
CA TRP A 100 -9.83 -1.12 -19.41
C TRP A 100 -11.15 -1.94 -19.34
N GLN A 101 -12.28 -1.30 -19.62
CA GLN A 101 -13.57 -2.02 -19.67
C GLN A 101 -13.58 -3.13 -20.71
N ALA A 102 -13.01 -2.86 -21.89
CA ALA A 102 -13.00 -3.82 -23.00
C ALA A 102 -12.30 -5.13 -22.67
N VAL A 103 -11.35 -5.09 -21.73
CA VAL A 103 -10.69 -6.34 -21.35
C VAL A 103 -11.19 -6.93 -20.03
N GLY A 104 -12.32 -6.46 -19.54
CA GLY A 104 -12.94 -7.12 -18.41
C GLY A 104 -12.74 -6.39 -17.10
N GLY A 105 -12.21 -5.16 -17.17
CA GLY A 105 -11.99 -4.38 -15.96
C GLY A 105 -13.30 -4.12 -15.23
N LYS A 106 -13.29 -4.39 -13.93
CA LYS A 106 -14.42 -4.08 -13.08
C LYS A 106 -13.92 -3.87 -11.67
N GLY A 107 -14.38 -2.79 -11.06
CA GLY A 107 -13.92 -2.43 -9.73
C GLY A 107 -14.05 -0.93 -9.60
N TRP A 108 -12.94 -0.26 -9.30
CA TRP A 108 -12.99 1.17 -9.02
C TRP A 108 -12.18 1.93 -10.03
N ILE A 109 -12.70 3.08 -10.46
CA ILE A 109 -11.97 3.97 -11.36
C ILE A 109 -11.68 5.26 -10.60
N ILE A 110 -10.41 5.67 -10.55
CA ILE A 110 -10.08 6.95 -9.97
C ILE A 110 -9.41 7.77 -11.04
N LYS A 111 -9.98 8.96 -11.24
CA LYS A 111 -9.42 9.98 -12.09
C LYS A 111 -8.56 10.86 -11.21
N LYS A 112 -7.25 10.77 -11.40
CA LYS A 112 -6.30 11.52 -10.60
C LYS A 112 -6.14 12.91 -11.18
N ILE A 113 -6.32 13.90 -10.31
CA ILE A 113 -6.12 15.27 -10.69
C ILE A 113 -5.03 15.95 -9.84
N ASP A 114 -4.48 17.03 -10.38
CA ASP A 114 -3.54 17.90 -9.64
C ASP A 114 -4.19 18.38 -8.37
N SER A 115 -3.51 18.25 -7.22
CA SER A 115 -4.07 18.75 -5.95
C SER A 115 -4.21 20.28 -5.99
N THR A 116 -3.40 20.95 -6.82
CA THR A 116 -3.50 22.38 -7.01
C THR A 116 -4.27 22.81 -8.27
N LEU A 117 -5.12 21.90 -8.75
CA LEU A 117 -6.16 22.17 -9.72
C LEU A 117 -5.65 22.63 -11.08
N ARG A 118 -4.42 22.29 -11.43
CA ARG A 118 -3.95 22.64 -12.77
C ARG A 118 -4.49 21.63 -13.76
N GLY A 119 -4.81 22.09 -14.97
CA GLY A 119 -5.11 21.15 -16.05
C GLY A 119 -6.53 21.22 -16.60
N ASN A 120 -6.83 20.20 -17.41
CA ASN A 120 -8.12 20.07 -18.06
C ASN A 120 -9.13 19.36 -17.18
N LEU A 121 -9.39 19.94 -16.00
CA LEU A 121 -10.18 19.23 -14.99
C LEU A 121 -11.58 18.86 -15.45
N GLY A 122 -12.35 19.83 -15.91
CA GLY A 122 -13.72 19.55 -16.27
C GLY A 122 -13.84 18.60 -17.44
N ALA A 123 -12.99 18.79 -18.45
CA ALA A 123 -13.09 17.98 -19.67
C ALA A 123 -12.80 16.54 -19.32
N GLU A 124 -11.76 16.33 -18.51
CA GLU A 124 -11.32 14.97 -18.16
C GLU A 124 -12.26 14.31 -17.17
N VAL A 125 -12.76 15.06 -16.20
CA VAL A 125 -13.72 14.48 -15.27
C VAL A 125 -15.02 14.10 -16.01
N ALA A 126 -15.53 15.01 -16.84
CA ALA A 126 -16.72 14.68 -17.63
C ALA A 126 -16.52 13.43 -18.51
N ALA A 127 -15.38 13.31 -19.16
CA ALA A 127 -15.11 12.15 -20.02
C ALA A 127 -15.04 10.85 -19.21
N ALA A 128 -14.34 10.90 -18.09
CA ALA A 128 -14.25 9.75 -17.24
C ALA A 128 -15.60 9.34 -16.69
N LEU A 129 -16.44 10.31 -16.34
CA LEU A 129 -17.77 9.99 -15.78
C LEU A 129 -18.67 9.39 -16.87
N SER A 130 -18.62 9.96 -18.06
CA SER A 130 -19.37 9.44 -19.18
C SER A 130 -18.99 8.01 -19.45
N ALA A 131 -17.69 7.76 -19.51
CA ALA A 131 -17.18 6.41 -19.77
C ALA A 131 -17.55 5.45 -18.67
N ALA A 132 -17.47 5.92 -17.42
CA ALA A 132 -17.76 5.08 -16.27
C ALA A 132 -19.25 4.68 -16.28
N ASP A 133 -20.09 5.54 -16.85
CA ASP A 133 -21.54 5.31 -16.99
C ASP A 133 -22.20 5.02 -15.63
N VAL A 134 -21.93 5.88 -14.65
CA VAL A 134 -22.59 5.83 -13.35
C VAL A 134 -23.15 7.21 -13.00
N PRO A 135 -24.06 7.28 -12.02
CA PRO A 135 -24.70 8.57 -11.77
C PRO A 135 -23.81 9.72 -11.29
N VAL A 136 -22.83 9.45 -10.43
CA VAL A 136 -22.04 10.55 -9.90
C VAL A 136 -20.57 10.25 -9.84
N ALA A 137 -19.83 11.36 -9.85
CA ALA A 137 -18.45 11.37 -9.50
C ALA A 137 -18.32 12.04 -8.13
N LEU A 138 -17.46 11.47 -7.29
CA LEU A 138 -17.12 12.08 -6.01
C LEU A 138 -15.78 12.74 -6.14
N ILE A 139 -15.80 14.05 -5.97
CA ILE A 139 -14.58 14.82 -6.13
C ILE A 139 -14.07 15.21 -4.73
N ALA A 140 -13.01 14.54 -4.33
CA ALA A 140 -12.42 14.78 -3.01
C ALA A 140 -10.94 14.95 -3.26
N ALA A 141 -10.56 16.20 -3.49
CA ALA A 141 -9.27 16.58 -4.06
C ALA A 141 -8.17 16.76 -3.04
N ALA A 142 -8.49 16.73 -1.77
CA ALA A 142 -7.51 17.11 -0.74
C ALA A 142 -6.36 16.10 -0.63
N SER A 143 -5.16 16.59 -0.29
CA SER A 143 -4.06 15.73 0.21
C SER A 143 -3.52 16.37 1.49
N PRO A 144 -4.17 16.10 2.61
CA PRO A 144 -3.85 16.82 3.86
C PRO A 144 -2.41 16.68 4.30
N THR A 145 -1.81 15.51 4.15
CA THR A 145 -0.46 15.34 4.64
C THR A 145 0.52 16.17 3.81
N LEU A 146 0.05 16.66 2.67
CA LEU A 146 0.85 17.54 1.82
C LEU A 146 0.41 18.99 1.92
N GLY A 147 -0.49 19.28 2.87
CA GLY A 147 -0.90 20.66 3.08
C GLY A 147 -2.01 21.19 2.17
N ARG A 148 -2.63 20.32 1.35
CA ARG A 148 -3.79 20.72 0.57
C ARG A 148 -5.09 20.24 1.19
N VAL A 149 -5.95 21.19 1.53
CA VAL A 149 -7.26 20.87 2.07
C VAL A 149 -8.33 21.57 1.29
N THR A 150 -9.56 21.07 1.43
CA THR A 150 -10.73 21.68 0.82
C THR A 150 -11.71 22.16 1.90
N ARG A 151 -12.01 23.46 1.82
CA ARG A 151 -12.85 24.15 2.77
C ARG A 151 -13.91 24.93 2.02
N GLN A 152 -15.18 24.67 2.33
CA GLN A 152 -16.28 25.32 1.64
C GLN A 152 -16.07 25.29 0.13
N GLY A 153 -15.61 24.16 -0.38
CA GLY A 153 -15.51 23.98 -1.80
C GLY A 153 -14.25 24.53 -2.44
N GLU A 154 -13.33 25.06 -1.65
CA GLU A 154 -12.13 25.72 -2.19
C GLU A 154 -10.86 25.06 -1.67
N VAL A 155 -9.82 25.03 -2.50
CA VAL A 155 -8.54 24.44 -2.12
C VAL A 155 -7.70 25.48 -1.42
N TRP A 156 -7.22 25.11 -0.23
CA TRP A 156 -6.26 25.90 0.49
C TRP A 156 -4.92 25.18 0.58
N VAL A 157 -3.84 25.93 0.48
CA VAL A 157 -2.50 25.36 0.48
C VAL A 157 -1.74 26.13 1.47
N ASN A 158 -1.29 25.40 2.48
CA ASN A 158 -0.53 25.99 3.55
C ASN A 158 -1.03 27.36 4.05
N GLY A 159 -2.32 27.46 4.38
CA GLY A 159 -2.81 28.63 5.10
C GLY A 159 -3.43 29.71 4.22
N ARG A 160 -3.36 29.51 2.92
CA ARG A 160 -3.85 30.47 1.91
C ARG A 160 -4.75 29.82 0.88
N ARG A 161 -5.70 30.58 0.34
CA ARG A 161 -6.49 30.02 -0.75
C ARG A 161 -5.52 29.78 -1.91
N LEU A 162 -5.86 28.80 -2.74
CA LEU A 162 -5.01 28.44 -3.90
C LEU A 162 -4.56 29.64 -4.75
N THR A 163 -5.47 30.58 -5.00
CA THR A 163 -5.16 31.72 -5.88
C THR A 163 -4.27 32.77 -5.21
N ASP A 164 -3.93 32.53 -3.96
CA ASP A 164 -3.05 33.41 -3.22
C ASP A 164 -1.65 32.79 -3.11
N THR A 165 -1.38 31.76 -3.93
CA THR A 165 -0.09 31.04 -3.93
C THR A 165 0.61 31.06 -5.31
N GLU A 166 1.83 30.53 -5.35
CA GLU A 166 2.60 30.47 -6.59
C GLU A 166 2.00 29.50 -7.62
N PHE A 167 1.31 28.46 -7.16
CA PHE A 167 0.75 27.46 -8.07
C PHE A 167 -0.23 28.05 -9.09
N ALA A 168 -0.68 29.28 -8.82
CA ALA A 168 -1.60 29.97 -9.69
C ALA A 168 -0.87 30.91 -10.65
N SER A 169 0.45 30.78 -10.74
CA SER A 169 1.27 31.73 -11.49
C SER A 169 1.94 31.09 -12.71
N ASP A 170 1.22 30.28 -13.47
CA ASP A 170 1.69 29.86 -14.78
C ASP A 170 2.83 28.85 -14.57
N PRO A 171 3.82 28.77 -15.49
CA PRO A 171 4.00 29.28 -16.85
C PRO A 171 3.46 28.32 -17.93
N LYS A 172 2.52 27.45 -17.54
CA LYS A 172 1.96 26.47 -18.46
C LYS A 172 0.44 26.33 -18.29
N THR A 173 -0.02 26.45 -17.05
CA THR A 173 -1.40 26.20 -16.70
C THR A 173 -1.78 27.04 -15.49
N PRO A 174 -2.02 28.34 -15.69
CA PRO A 174 -2.41 29.25 -14.59
C PRO A 174 -3.76 28.86 -13.99
N VAL A 175 -3.86 28.89 -12.66
CA VAL A 175 -5.10 28.56 -11.96
C VAL A 175 -5.80 29.88 -11.54
N THR A 176 -7.04 30.04 -11.96
CA THR A 176 -7.72 31.34 -11.86
C THR A 176 -8.79 31.27 -10.74
N SER A 177 -8.97 30.10 -10.16
CA SER A 177 -9.87 29.96 -9.02
C SER A 177 -9.48 28.87 -8.07
N ALA A 178 -9.68 29.11 -6.77
CA ALA A 178 -9.54 28.06 -5.76
C ALA A 178 -10.78 27.21 -5.65
N SER A 179 -11.87 27.67 -6.22
CA SER A 179 -13.11 26.89 -6.18
C SER A 179 -13.09 25.72 -7.18
N ILE A 180 -13.23 24.52 -6.68
CA ILE A 180 -13.25 23.35 -7.55
C ILE A 180 -14.42 23.44 -8.54
N ALA A 181 -15.60 23.82 -8.06
CA ALA A 181 -16.74 24.03 -8.97
C ALA A 181 -16.42 25.03 -10.08
N ALA A 182 -15.87 26.20 -9.73
CA ALA A 182 -15.55 27.21 -10.72
C ALA A 182 -14.58 26.65 -11.78
N ARG A 183 -13.59 25.92 -11.31
CA ARG A 183 -12.58 25.38 -12.21
C ARG A 183 -13.26 24.39 -13.16
N LEU A 184 -14.09 23.50 -12.62
CA LEU A 184 -14.78 22.50 -13.45
C LEU A 184 -15.67 23.17 -14.49
N ALA A 185 -16.40 24.18 -14.05
CA ALA A 185 -17.34 24.92 -14.89
C ALA A 185 -16.68 25.56 -16.10
N GLU A 186 -15.36 25.73 -16.08
CA GLU A 186 -14.71 26.27 -17.27
C GLU A 186 -14.85 25.33 -18.44
N GLN A 187 -15.02 24.05 -18.15
CA GLN A 187 -14.98 23.03 -19.22
C GLN A 187 -16.16 22.08 -19.26
N THR A 188 -16.94 22.00 -18.20
CA THR A 188 -18.12 21.14 -18.20
C THR A 188 -19.28 21.82 -17.50
N ALA A 189 -20.47 21.68 -18.06
CA ALA A 189 -21.69 22.18 -17.44
C ALA A 189 -22.47 21.11 -16.66
N LEU A 190 -21.86 19.98 -16.35
CA LEU A 190 -22.53 18.97 -15.53
C LEU A 190 -22.98 19.58 -14.20
N PRO A 191 -24.21 19.28 -13.76
CA PRO A 191 -24.64 19.82 -12.48
C PRO A 191 -23.77 19.33 -11.30
N VAL A 192 -23.44 20.26 -10.42
CA VAL A 192 -22.57 20.01 -9.28
C VAL A 192 -23.27 20.31 -7.97
N ALA A 193 -22.76 19.73 -6.90
CA ALA A 193 -23.22 20.11 -5.55
C ALA A 193 -21.99 20.05 -4.62
N GLU A 194 -21.92 20.93 -3.63
CA GLU A 194 -20.85 20.88 -2.64
C GLU A 194 -21.35 20.31 -1.33
N ILE A 195 -20.53 19.48 -0.70
CA ILE A 195 -20.80 19.03 0.64
C ILE A 195 -19.63 19.53 1.52
N HIS A 196 -19.94 20.46 2.40
CA HIS A 196 -18.90 21.07 3.23
C HIS A 196 -18.63 20.22 4.46
N LEU A 197 -17.60 20.58 5.22
CA LEU A 197 -16.98 19.62 6.14
C LEU A 197 -17.91 19.05 7.19
N ASP A 198 -18.77 19.87 7.78
CA ASP A 198 -19.64 19.36 8.83
C ASP A 198 -20.57 18.30 8.27
N GLU A 199 -21.06 18.50 7.05
CA GLU A 199 -21.98 17.55 6.39
C GLU A 199 -21.25 16.28 5.93
N VAL A 200 -20.03 16.43 5.43
CA VAL A 200 -19.18 15.27 5.12
C VAL A 200 -19.07 14.34 6.32
N ARG A 201 -18.85 14.93 7.51
CA ARG A 201 -18.53 14.14 8.71
C ARG A 201 -19.70 13.41 9.36
N GLN A 202 -20.89 13.56 8.81
CA GLN A 202 -22.08 12.93 9.35
C GLN A 202 -22.10 11.45 9.03
N ALA A 203 -22.72 10.66 9.89
CA ALA A 203 -22.77 9.21 9.72
C ALA A 203 -23.57 8.85 8.47
N ASN A 204 -24.51 9.72 8.09
CA ASN A 204 -25.40 9.42 6.98
C ASN A 204 -24.91 9.93 5.63
N LEU A 205 -23.60 10.12 5.46
CA LEU A 205 -23.06 10.66 4.20
C LEU A 205 -23.54 9.88 2.95
N ALA A 206 -23.52 8.56 3.00
CA ALA A 206 -23.95 7.75 1.84
C ALA A 206 -25.39 8.04 1.45
N HIS A 207 -26.30 8.19 2.42
CA HIS A 207 -27.67 8.61 2.12
C HIS A 207 -27.69 9.95 1.39
N ARG A 208 -26.85 10.89 1.84
CA ARG A 208 -26.79 12.19 1.20
C ARG A 208 -26.26 12.10 -0.24
N LEU A 209 -25.26 11.27 -0.45
CA LEU A 209 -24.75 11.03 -1.79
C LEU A 209 -25.85 10.46 -2.70
N GLN A 210 -26.55 9.46 -2.20
CA GLN A 210 -27.60 8.82 -2.98
C GLN A 210 -28.67 9.85 -3.33
N GLN A 211 -28.99 10.71 -2.36
CA GLN A 211 -30.02 11.73 -2.57
C GLN A 211 -29.63 12.64 -3.72
N LEU A 212 -28.38 13.08 -3.71
CA LEU A 212 -27.91 13.97 -4.75
C LEU A 212 -27.90 13.28 -6.10
N ALA A 213 -27.48 12.02 -6.14
CA ALA A 213 -27.58 11.23 -7.36
C ALA A 213 -29.02 11.17 -7.85
N ASP A 214 -29.93 10.88 -6.95
CA ASP A 214 -31.33 10.73 -7.34
C ASP A 214 -31.89 12.03 -7.91
N GLU A 215 -31.38 13.17 -7.44
CA GLU A 215 -31.86 14.47 -7.90
C GLU A 215 -31.24 14.91 -9.23
N GLY A 216 -30.26 14.17 -9.72
CA GLY A 216 -29.64 14.50 -11.00
C GLY A 216 -28.33 15.24 -10.89
N THR A 217 -27.85 15.49 -9.67
CA THR A 217 -26.47 15.97 -9.50
C THR A 217 -25.50 14.93 -10.05
N ARG A 218 -24.48 15.39 -10.77
CA ARG A 218 -23.51 14.54 -11.41
C ARG A 218 -22.14 14.60 -10.76
N LEU A 219 -21.75 15.79 -10.28
CA LEU A 219 -20.45 15.94 -9.64
C LEU A 219 -20.63 16.43 -8.22
N ILE A 220 -20.14 15.66 -7.27
CA ILE A 220 -20.27 16.00 -5.86
C ILE A 220 -18.89 16.34 -5.31
N ILE A 221 -18.77 17.57 -4.83
CA ILE A 221 -17.48 18.09 -4.37
C ILE A 221 -17.49 18.13 -2.84
N LEU A 222 -16.52 17.46 -2.22
CA LEU A 222 -16.49 17.22 -0.78
C LEU A 222 -15.32 17.90 -0.08
N ASP A 223 -15.61 18.57 1.04
CA ASP A 223 -14.55 19.12 1.87
C ASP A 223 -13.72 17.99 2.49
N THR A 224 -12.55 18.36 3.00
CA THR A 224 -11.68 17.44 3.69
C THR A 224 -10.62 18.24 4.40
N ASP A 225 -10.39 17.95 5.67
CA ASP A 225 -9.31 18.57 6.40
C ASP A 225 -8.18 17.60 6.79
N VAL A 226 -8.55 16.36 7.11
CA VAL A 226 -7.56 15.33 7.51
C VAL A 226 -7.83 13.99 6.82
N GLN A 227 -6.89 13.06 6.92
CA GLN A 227 -6.97 11.82 6.16
C GLN A 227 -8.20 11.01 6.56
N ASP A 228 -8.57 11.08 7.83
CA ASP A 228 -9.80 10.42 8.31
C ASP A 228 -11.05 10.84 7.52
N ASP A 229 -11.10 12.07 7.03
CA ASP A 229 -12.22 12.53 6.20
C ASP A 229 -12.29 11.76 4.89
N LEU A 230 -11.13 11.49 4.30
CA LEU A 230 -11.07 10.73 3.06
C LEU A 230 -11.42 9.26 3.27
N THR A 231 -11.06 8.70 4.43
CA THR A 231 -11.49 7.34 4.79
C THR A 231 -13.01 7.25 4.86
N HIS A 232 -13.60 8.24 5.52
CA HIS A 232 -15.05 8.28 5.70
C HIS A 232 -15.77 8.43 4.34
N ILE A 233 -15.23 9.28 3.50
CA ILE A 233 -15.74 9.46 2.15
C ILE A 233 -15.70 8.18 1.33
N VAL A 234 -14.58 7.48 1.38
CA VAL A 234 -14.49 6.21 0.66
C VAL A 234 -15.43 5.14 1.23
N ASN A 235 -15.61 5.13 2.55
CA ASN A 235 -16.58 4.25 3.18
C ASN A 235 -18.00 4.53 2.69
N ALA A 236 -18.36 5.80 2.54
CA ALA A 236 -19.68 6.16 2.04
C ALA A 236 -19.80 5.72 0.57
N ALA A 237 -18.73 5.92 -0.19
CA ALA A 237 -18.70 5.53 -1.61
C ALA A 237 -18.99 4.06 -1.76
N ARG A 238 -18.45 3.28 -0.83
CA ARG A 238 -18.58 1.85 -0.88
C ARG A 238 -19.95 1.37 -0.43
N ALA A 239 -20.75 2.26 0.14
CA ALA A 239 -22.07 1.86 0.64
C ALA A 239 -23.17 2.16 -0.37
N LEU A 240 -22.79 2.60 -1.56
CA LEU A 240 -23.74 2.97 -2.60
C LEU A 240 -24.07 1.73 -3.44
N PRO A 241 -25.22 1.73 -4.12
CA PRO A 241 -25.62 0.56 -4.91
C PRO A 241 -24.90 0.50 -6.25
N PHE A 242 -24.07 1.52 -6.50
CA PHE A 242 -23.13 1.50 -7.61
C PHE A 242 -21.78 2.01 -7.13
N ARG A 243 -20.78 1.86 -7.99
CA ARG A 243 -19.46 2.42 -7.74
C ARG A 243 -19.31 3.80 -8.36
N PRO A 244 -19.31 4.88 -7.55
CA PRO A 244 -19.18 6.17 -8.20
C PRO A 244 -17.78 6.34 -8.79
N LEU A 245 -17.64 7.23 -9.77
CA LEU A 245 -16.30 7.63 -10.21
C LEU A 245 -15.67 8.35 -9.05
N LEU A 246 -14.39 8.06 -8.78
CA LEU A 246 -13.66 8.80 -7.75
C LEU A 246 -12.72 9.79 -8.46
N VAL A 247 -12.62 11.00 -7.92
CA VAL A 247 -11.74 12.00 -8.50
C VAL A 247 -10.97 12.65 -7.37
N GLY A 248 -9.65 12.57 -7.41
CA GLY A 248 -8.86 13.16 -6.35
C GLY A 248 -7.38 13.18 -6.61
N SER A 249 -6.61 13.53 -5.59
CA SER A 249 -5.17 13.52 -5.70
C SER A 249 -4.67 12.41 -4.77
N ALA A 250 -3.48 12.57 -4.24
CA ALA A 250 -2.83 11.45 -3.53
C ALA A 250 -3.65 10.98 -2.35
N GLY A 251 -4.33 11.91 -1.69
CA GLY A 251 -5.09 11.60 -0.49
C GLY A 251 -6.21 10.60 -0.74
N LEU A 252 -6.97 10.82 -1.80
CA LEU A 252 -8.09 9.95 -2.12
C LEU A 252 -7.57 8.61 -2.62
N SER A 253 -6.52 8.67 -3.43
CA SER A 253 -5.88 7.46 -3.93
C SER A 253 -5.38 6.57 -2.78
N ASP A 254 -4.73 7.17 -1.79
CA ASP A 254 -4.27 6.43 -0.60
C ASP A 254 -5.48 5.81 0.13
N ALA A 255 -6.56 6.58 0.27
CA ALA A 255 -7.72 6.07 0.98
C ALA A 255 -8.36 4.90 0.26
N LEU A 256 -8.40 4.98 -1.07
CA LEU A 256 -8.96 3.90 -1.89
C LEU A 256 -8.09 2.66 -1.75
N ALA A 257 -6.78 2.84 -1.86
CA ALA A 257 -5.83 1.76 -1.71
C ALA A 257 -6.01 1.04 -0.38
N THR A 258 -6.19 1.81 0.69
CA THR A 258 -6.40 1.21 2.03
C THR A 258 -7.68 0.36 2.11
N ALA A 259 -8.77 0.92 1.60
CA ALA A 259 -10.08 0.29 1.62
C ALA A 259 -10.13 -0.99 0.79
N GLN A 260 -9.29 -1.12 -0.23
CA GLN A 260 -9.23 -2.36 -0.99
C GLN A 260 -8.73 -3.56 -0.17
N ASP A 261 -8.03 -3.31 0.93
CA ASP A 261 -7.55 -4.39 1.77
C ASP A 261 -6.85 -5.50 0.95
N PHE A 262 -5.79 -5.12 0.25
CA PHE A 262 -5.06 -6.06 -0.58
C PHE A 262 -4.31 -7.05 0.30
N THR A 263 -4.33 -8.32 -0.09
CA THR A 263 -3.58 -9.35 0.63
C THR A 263 -2.07 -9.21 0.36
N ARG A 264 -1.31 -9.00 1.42
CA ARG A 264 0.12 -8.83 1.29
C ARG A 264 0.75 -10.21 1.17
N LYS A 265 1.48 -10.46 0.08
CA LYS A 265 2.13 -11.75 -0.17
C LYS A 265 3.51 -11.61 -0.80
N THR A 266 4.55 -11.99 -0.06
CA THR A 266 5.89 -11.90 -0.61
C THR A 266 6.31 -13.30 -1.08
N GLU A 267 6.96 -13.33 -2.24
CA GLU A 267 7.35 -14.57 -2.88
C GLU A 267 8.43 -15.31 -2.07
N LYS A 268 9.40 -14.57 -1.54
CA LYS A 268 10.46 -15.18 -0.74
C LYS A 268 10.49 -14.51 0.64
N PRO A 269 9.74 -15.04 1.60
CA PRO A 269 9.65 -14.27 2.83
C PRO A 269 10.79 -14.57 3.79
N LEU A 270 10.89 -13.72 4.80
CA LEU A 270 11.84 -13.92 5.91
C LEU A 270 11.48 -15.08 6.81
N LEU A 271 12.50 -15.84 7.18
CA LEU A 271 12.38 -16.76 8.29
C LEU A 271 13.19 -16.17 9.42
N ALA A 272 12.53 -15.87 10.52
CA ALA A 272 13.18 -15.24 11.64
C ALA A 272 13.21 -16.22 12.83
N VAL A 273 14.37 -16.36 13.46
CA VAL A 273 14.49 -17.27 14.60
C VAL A 273 14.99 -16.46 15.77
N VAL A 274 14.14 -16.29 16.76
CA VAL A 274 14.41 -15.41 17.88
C VAL A 274 14.33 -16.14 19.20
N GLY A 275 15.44 -16.20 19.92
CA GLY A 275 15.48 -16.86 21.22
C GLY A 275 15.62 -15.86 22.37
N SER A 276 15.72 -14.58 22.01
CA SER A 276 15.83 -13.52 23.00
C SER A 276 14.52 -13.40 23.77
N SER A 278 14.25 -10.86 25.82
CA SER A 278 14.33 -9.45 26.21
C SER A 278 13.07 -8.68 25.86
N ASP A 279 12.83 -7.60 26.60
CA ASP A 279 11.62 -6.84 26.40
C ASP A 279 11.55 -6.22 25.01
N ILE A 280 12.67 -5.76 24.49
CA ILE A 280 12.64 -5.06 23.21
C ILE A 280 12.32 -6.07 22.09
N ALA A 281 12.70 -7.34 22.25
CA ALA A 281 12.41 -8.35 21.22
C ALA A 281 10.90 -8.63 21.17
N GLN A 282 10.28 -8.67 22.33
CA GLN A 282 8.83 -8.85 22.39
C GLN A 282 8.16 -7.67 21.65
N LYS A 283 8.63 -6.46 21.90
CA LYS A 283 8.10 -5.29 21.20
C LYS A 283 8.29 -5.36 19.69
N GLN A 284 9.49 -5.76 19.26
CA GLN A 284 9.81 -5.83 17.85
C GLN A 284 8.95 -6.88 17.16
N ILE A 285 8.79 -8.04 17.82
CA ILE A 285 7.98 -9.11 17.28
C ILE A 285 6.51 -8.69 17.22
N ALA A 286 6.03 -8.10 18.31
CA ALA A 286 4.64 -7.66 18.35
C ALA A 286 4.33 -6.77 17.15
N ALA A 287 5.25 -5.86 16.83
CA ALA A 287 5.00 -4.90 15.77
C ALA A 287 4.81 -5.65 14.44
N ALA A 288 5.67 -6.62 14.19
CA ALA A 288 5.54 -7.48 13.01
C ALA A 288 4.25 -8.31 13.08
N ARG A 289 3.89 -8.74 14.28
CA ARG A 289 2.73 -9.61 14.49
C ARG A 289 1.45 -8.89 14.04
N LEU A 290 1.43 -7.56 14.16
CA LEU A 290 0.26 -6.75 13.76
C LEU A 290 -0.07 -6.92 12.28
N ARG A 291 0.95 -7.29 11.49
CA ARG A 291 0.79 -7.42 10.05
C ARG A 291 0.05 -8.70 9.68
N SER A 292 -0.64 -8.65 8.53
CA SER A 292 -1.48 -9.76 8.09
C SER A 292 -0.67 -10.77 7.29
N ASP A 293 0.57 -10.43 6.97
CA ASP A 293 1.41 -11.32 6.19
C ASP A 293 2.54 -11.93 7.03
N VAL A 294 2.38 -11.92 8.35
CA VAL A 294 3.39 -12.44 9.28
C VAL A 294 2.77 -13.55 10.13
N THR A 295 3.46 -14.69 10.20
CA THR A 295 2.98 -15.82 10.99
C THR A 295 3.98 -16.18 12.09
N LEU A 296 3.51 -16.33 13.31
CA LEU A 296 4.38 -16.70 14.42
C LEU A 296 4.33 -18.19 14.65
N VAL A 297 5.49 -18.78 14.92
CA VAL A 297 5.55 -20.17 15.41
C VAL A 297 6.17 -20.15 16.80
N GLU A 298 5.37 -20.45 17.81
CA GLU A 298 5.84 -20.27 19.18
C GLU A 298 6.39 -21.57 19.74
N ILE A 299 7.59 -21.49 20.30
CA ILE A 299 8.27 -22.66 20.83
C ILE A 299 8.19 -22.65 22.36
N ASP A 300 7.38 -23.53 22.92
CA ASP A 300 7.31 -23.62 24.38
C ASP A 300 8.59 -24.24 24.93
N ILE A 301 9.26 -23.52 25.84
CA ILE A 301 10.49 -23.99 26.45
C ILE A 301 10.25 -25.24 27.31
N ASN A 302 9.11 -25.30 27.97
CA ASN A 302 8.78 -26.42 28.84
C ASN A 302 8.63 -27.73 28.07
N ALA A 303 8.05 -27.65 26.87
CA ALA A 303 7.75 -28.84 26.07
C ALA A 303 9.00 -29.44 25.41
N LEU A 304 10.17 -28.93 25.79
CA LEU A 304 11.43 -29.36 25.20
C LEU A 304 12.01 -30.63 25.83
N PHE A 305 11.44 -31.08 26.95
CA PHE A 305 12.02 -32.19 27.69
C PHE A 305 11.10 -33.42 27.72
N SER A 306 9.88 -33.28 27.19
CA SER A 306 9.00 -34.43 27.03
C SER A 306 9.51 -35.27 25.87
N PRO A 307 9.17 -36.57 25.86
CA PRO A 307 9.71 -37.45 24.81
C PRO A 307 9.07 -37.22 23.43
N ASP A 308 7.93 -36.54 23.38
CA ASP A 308 7.29 -36.20 22.11
C ASP A 308 7.95 -34.97 21.46
N SER A 309 9.09 -34.56 21.97
CA SER A 309 9.73 -33.33 21.51
C SER A 309 9.96 -33.37 20.01
N SER A 310 10.36 -34.55 19.52
CA SER A 310 10.61 -34.73 18.09
C SER A 310 9.34 -34.52 17.29
N THR A 311 8.26 -35.17 17.72
CA THR A 311 6.96 -35.05 17.07
C THR A 311 6.56 -33.59 16.99
N VAL A 312 6.70 -32.88 18.11
CA VAL A 312 6.38 -31.47 18.21
C VAL A 312 7.32 -30.60 17.34
N ALA A 314 8.70 -31.61 14.48
CA ALA A 314 8.26 -31.87 13.11
C ALA A 314 7.05 -30.99 12.78
N SER A 315 6.20 -30.79 13.79
CA SER A 315 5.00 -29.95 13.64
C SER A 315 5.34 -28.47 13.50
N GLN A 316 6.22 -27.97 14.36
CA GLN A 316 6.75 -26.62 14.22
C GLN A 316 7.36 -26.42 12.83
N CYS A 317 8.15 -27.39 12.40
CA CYS A 317 8.74 -27.35 11.07
C CYS A 317 7.66 -27.25 10.00
N GLU A 318 6.61 -28.07 10.13
CA GLU A 318 5.53 -28.02 9.16
C GLU A 318 4.83 -26.67 9.20
N ASP A 319 4.64 -26.15 10.41
CA ASP A 319 4.00 -24.86 10.59
C ASP A 319 4.80 -23.76 9.87
N ALA A 320 6.12 -23.81 9.97
CA ALA A 320 6.99 -22.83 9.30
C ALA A 320 6.89 -22.94 7.76
N LEU A 321 6.94 -24.16 7.24
CA LEU A 321 6.79 -24.39 5.80
C LEU A 321 5.51 -23.79 5.24
N LYS A 322 4.39 -24.02 5.91
CA LYS A 322 3.12 -23.52 5.40
C LYS A 322 3.12 -22.00 5.35
N ALA A 323 3.70 -21.37 6.37
CA ALA A 323 3.76 -19.91 6.37
C ALA A 323 4.56 -19.41 5.16
N LEU A 324 5.77 -19.97 5.00
CA LEU A 324 6.70 -19.48 3.99
C LEU A 324 6.22 -19.76 2.56
N THR A 325 5.62 -20.93 2.34
CA THR A 325 5.15 -21.30 1.00
C THR A 325 3.89 -20.53 0.57
N ASN A 326 3.19 -19.95 1.53
CA ASN A 326 2.01 -19.15 1.23
C ASN A 326 2.31 -17.66 1.32
N GLY A 327 3.60 -17.33 1.40
CA GLY A 327 4.06 -15.95 1.25
C GLY A 327 3.99 -15.10 2.50
N HIS A 328 3.92 -15.73 3.66
CA HIS A 328 4.03 -15.04 4.93
C HIS A 328 5.43 -15.12 5.47
N HIS A 329 5.93 -14.00 5.96
CA HIS A 329 7.09 -14.00 6.82
C HIS A 329 6.75 -14.90 8.00
N CYS A 330 7.74 -15.66 8.45
CA CYS A 330 7.52 -16.56 9.57
C CYS A 330 8.50 -16.25 10.70
N ILE A 331 7.96 -15.98 11.89
CA ILE A 331 8.79 -15.70 13.04
C ILE A 331 8.71 -16.82 14.07
N ILE A 332 9.83 -17.50 14.26
CA ILE A 332 9.96 -18.53 15.27
C ILE A 332 10.51 -17.90 16.54
N ARG A 333 9.82 -18.08 17.65
CA ARG A 333 10.29 -17.48 18.88
C ARG A 333 9.93 -18.32 20.09
N THR A 334 10.73 -18.17 21.14
CA THR A 334 10.54 -18.92 22.38
C THR A 334 9.63 -18.17 23.33
N CYS A 335 9.09 -18.89 24.32
CA CYS A 335 8.30 -18.28 25.37
C CYS A 335 8.30 -19.18 26.61
N GLN A 356 22.56 -20.64 31.49
CA GLN A 356 23.38 -21.81 31.74
C GLN A 356 23.15 -22.83 30.62
N GLN A 357 22.66 -24.01 30.98
CA GLN A 357 22.48 -25.09 30.01
C GLN A 357 21.13 -24.93 29.35
N LEU A 358 20.27 -24.16 30.00
CA LEU A 358 18.96 -23.87 29.44
C LEU A 358 19.13 -23.18 28.09
N GLY A 359 19.76 -22.01 28.11
CA GLY A 359 19.98 -21.25 26.90
C GLY A 359 20.59 -22.10 25.81
N GLU A 360 21.41 -23.07 26.20
CA GLU A 360 22.12 -23.95 25.28
C GLU A 360 21.20 -25.01 24.68
N THR A 361 20.36 -25.63 25.51
CA THR A 361 19.37 -26.57 25.02
C THR A 361 18.47 -25.88 24.00
N ILE A 362 18.08 -24.64 24.33
CA ILE A 362 17.25 -23.81 23.44
C ILE A 362 17.96 -23.45 22.12
N SER A 363 19.24 -23.12 22.21
CA SER A 363 19.94 -22.70 21.00
C SER A 363 20.13 -23.92 20.10
N HIS A 364 20.37 -25.09 20.69
CA HIS A 364 20.58 -26.31 19.92
C HIS A 364 19.30 -26.70 19.19
N TYR A 365 18.21 -26.66 19.94
CA TYR A 365 16.90 -27.01 19.40
C TYR A 365 16.52 -26.13 18.24
N LEU A 366 16.66 -24.82 18.39
CA LEU A 366 16.32 -23.92 17.31
C LEU A 366 17.26 -24.15 16.12
N GLY A 367 18.51 -24.46 16.41
CA GLY A 367 19.45 -24.78 15.36
C GLY A 367 18.90 -25.97 14.59
N GLU A 368 18.45 -26.97 15.33
CA GLU A 368 17.95 -28.19 14.75
C GLU A 368 16.65 -27.98 13.97
N LEU A 369 15.73 -27.22 14.54
CA LEU A 369 14.49 -26.90 13.84
C LEU A 369 14.78 -26.16 12.54
N THR A 370 15.66 -25.16 12.59
CA THR A 370 15.91 -24.34 11.41
C THR A 370 16.53 -25.21 10.32
N ARG A 371 17.45 -26.09 10.71
CA ARG A 371 18.05 -27.02 9.75
C ARG A 371 16.93 -27.88 9.14
N SER A 372 16.04 -28.41 10.00
CA SER A 372 14.90 -29.19 9.53
C SER A 372 14.09 -28.45 8.47
N ILE A 373 13.84 -27.18 8.70
CA ILE A 373 12.97 -26.41 7.84
C ILE A 373 13.65 -26.21 6.48
N VAL A 374 14.94 -25.93 6.51
CA VAL A 374 15.70 -25.69 5.29
C VAL A 374 15.75 -26.93 4.44
N GLN A 375 16.00 -28.08 5.07
CA GLN A 375 16.00 -29.35 4.35
C GLN A 375 14.66 -29.75 3.79
N ALA A 376 13.58 -29.35 4.45
CA ALA A 376 12.24 -29.66 3.96
C ALA A 376 11.87 -28.79 2.77
N LEU A 377 12.36 -27.55 2.75
CA LEU A 377 12.10 -26.68 1.61
C LEU A 377 12.82 -27.22 0.39
N LEU A 389 13.45 -20.72 -1.01
CA LEU A 389 12.90 -20.30 0.27
C LEU A 389 13.87 -20.67 1.37
N PRO A 390 13.97 -19.84 2.42
CA PRO A 390 13.26 -18.56 2.59
C PRO A 390 14.01 -17.45 1.88
N GLY A 391 13.45 -16.24 1.82
CA GLY A 391 14.14 -15.13 1.17
C GLY A 391 15.28 -14.58 2.00
N GLY A 392 15.24 -14.85 3.29
CA GLY A 392 16.28 -14.41 4.20
C GLY A 392 16.14 -15.16 5.50
N LEU A 393 17.19 -15.08 6.30
CA LEU A 393 17.22 -15.73 7.60
C LEU A 393 17.69 -14.69 8.62
N TYR A 394 16.87 -14.42 9.64
CA TYR A 394 17.22 -13.45 10.70
C TYR A 394 17.38 -14.20 12.02
N LEU A 395 18.47 -13.94 12.72
CA LEU A 395 18.87 -14.77 13.85
C LEU A 395 19.22 -13.87 15.04
N SER A 396 18.63 -14.13 16.19
CA SER A 396 18.88 -13.28 17.36
C SER A 396 18.56 -14.04 18.64
N GLY A 397 19.39 -13.94 19.69
CA GLY A 397 20.58 -13.12 19.72
C GLY A 397 21.80 -13.89 19.26
N GLY A 398 22.96 -13.54 19.78
CA GLY A 398 24.21 -14.07 19.29
C GLY A 398 24.36 -15.57 19.45
N ASP A 399 23.87 -16.08 20.58
CA ASP A 399 23.88 -17.51 20.83
C ASP A 399 23.07 -18.26 19.76
N ILE A 400 21.91 -17.72 19.42
CA ILE A 400 21.05 -18.34 18.43
C ILE A 400 21.74 -18.28 17.08
N ALA A 401 22.31 -17.13 16.75
CA ALA A 401 22.95 -16.95 15.47
C ALA A 401 24.06 -18.00 15.22
N ILE A 402 24.94 -18.17 16.19
CA ILE A 402 26.04 -19.09 15.97
C ILE A 402 25.55 -20.54 16.00
N ALA A 403 24.60 -20.89 16.87
CA ALA A 403 24.08 -22.27 16.90
C ALA A 403 23.38 -22.63 15.60
N VAL A 404 22.61 -21.69 15.07
CA VAL A 404 21.89 -21.95 13.84
C VAL A 404 22.86 -22.00 12.66
N ALA A 405 23.77 -21.04 12.59
CA ALA A 405 24.74 -21.05 11.49
C ALA A 405 25.55 -22.35 11.48
N THR A 406 25.98 -22.81 12.64
CA THR A 406 26.74 -24.04 12.78
C THR A 406 25.91 -25.25 12.32
N ALA A 407 24.64 -25.27 12.73
CA ALA A 407 23.73 -26.34 12.35
C ALA A 407 23.51 -26.40 10.84
N LEU A 408 23.66 -25.25 10.17
CA LEU A 408 23.52 -25.16 8.71
C LEU A 408 24.86 -25.40 8.00
N GLY A 409 25.86 -25.81 8.76
CA GLY A 409 27.16 -26.14 8.19
C GLY A 409 28.03 -24.94 7.82
N ALA A 410 27.66 -23.73 8.24
CA ALA A 410 28.45 -22.54 7.88
C ALA A 410 29.82 -22.53 8.54
N THR A 411 30.81 -22.02 7.84
CA THR A 411 32.18 -21.88 8.40
C THR A 411 32.45 -20.42 8.83
N GLY A 412 31.60 -19.52 8.36
CA GLY A 412 31.72 -18.12 8.72
C GLY A 412 30.56 -17.31 8.16
N PHE A 413 30.73 -15.98 8.24
CA PHE A 413 29.68 -15.02 7.90
C PHE A 413 30.35 -13.86 7.22
N GLN A 414 30.09 -13.70 5.93
CA GLN A 414 30.63 -12.57 5.21
C GLN A 414 29.68 -11.41 5.37
N ILE A 415 30.14 -10.32 5.99
CA ILE A 415 29.28 -9.20 6.32
C ILE A 415 29.35 -8.19 5.21
N LYS A 416 28.17 -7.81 4.71
CA LYS A 416 28.08 -6.87 3.59
C LYS A 416 27.69 -5.48 4.04
N GLY A 417 27.05 -5.40 5.19
CA GLY A 417 26.50 -4.13 5.63
C GLY A 417 25.69 -4.28 6.91
N GLN A 418 24.80 -3.33 7.16
CA GLN A 418 23.96 -3.36 8.34
C GLN A 418 22.64 -2.71 8.05
N ILE A 419 21.59 -3.26 8.64
CA ILE A 419 20.22 -2.75 8.57
C ILE A 419 19.80 -2.08 9.86
N ALA A 420 19.12 -0.95 9.76
CA ALA A 420 18.49 -0.35 10.93
C ALA A 420 19.48 -0.02 12.04
N SER A 421 20.71 0.28 11.65
CA SER A 421 21.78 0.64 12.58
C SER A 421 22.16 -0.40 13.63
N CYS A 422 21.66 -1.63 13.52
CA CYS A 422 22.05 -2.65 14.48
C CYS A 422 21.89 -4.10 14.04
N VAL A 423 21.57 -4.33 12.76
CA VAL A 423 21.39 -5.69 12.26
C VAL A 423 22.40 -5.95 11.13
N PRO A 424 23.56 -6.54 11.48
CA PRO A 424 24.49 -6.95 10.41
C PRO A 424 23.81 -7.87 9.42
N TRP A 425 24.17 -7.77 8.13
CA TRP A 425 23.66 -8.70 7.16
C TRP A 425 24.75 -9.10 6.17
N GLY A 426 24.57 -10.28 5.59
CA GLY A 426 25.51 -10.77 4.61
C GLY A 426 25.16 -12.18 4.24
N TYR A 427 26.18 -13.00 4.06
CA TYR A 427 25.95 -14.38 3.63
C TYR A 427 26.76 -15.31 4.48
N LEU A 428 26.18 -16.43 4.85
CA LEU A 428 26.93 -17.51 5.49
C LEU A 428 27.88 -18.13 4.47
N LEU A 429 29.04 -18.60 4.93
CA LEU A 429 29.96 -19.24 4.03
C LEU A 429 29.85 -20.75 4.14
N ASN A 430 29.78 -21.40 2.98
CA ASN A 430 29.77 -22.83 2.87
C ASN A 430 28.61 -23.53 3.58
N SER A 431 27.43 -22.94 3.56
CA SER A 431 26.36 -23.46 4.37
C SER A 431 25.28 -24.02 3.45
N ILE A 432 24.35 -24.78 4.02
CA ILE A 432 23.28 -25.35 3.22
C ILE A 432 22.22 -24.32 2.80
N VAL A 433 22.36 -23.05 3.19
CA VAL A 433 21.40 -22.06 2.67
C VAL A 433 22.00 -21.23 1.52
N GLY A 434 23.16 -21.65 1.01
CA GLY A 434 23.73 -21.01 -0.15
C GLY A 434 23.86 -19.52 0.00
N THR A 436 21.46 -17.30 0.41
CA THR A 436 20.38 -16.65 1.14
C THR A 436 20.94 -15.59 2.06
N PRO A 437 20.42 -14.36 1.96
CA PRO A 437 20.82 -13.32 2.90
C PRO A 437 20.59 -13.72 4.34
N VAL A 438 21.58 -13.49 5.19
CA VAL A 438 21.43 -13.79 6.60
C VAL A 438 21.67 -12.53 7.40
N THR A 440 21.74 -10.80 11.48
CA THR A 440 21.85 -11.07 12.94
C THR A 440 21.60 -9.85 13.79
N LYS A 441 21.21 -10.08 15.04
CA LYS A 441 21.06 -8.97 15.96
C LYS A 441 21.38 -9.42 17.38
N ALA A 442 22.26 -8.67 18.04
CA ALA A 442 22.57 -8.88 19.47
C ALA A 442 21.37 -8.54 20.35
N GLY A 443 21.21 -9.31 21.41
CA GLY A 443 20.09 -9.11 22.32
C GLY A 443 20.08 -7.69 22.83
N GLY A 444 18.88 -7.14 23.01
CA GLY A 444 18.73 -5.83 23.63
C GLY A 444 18.80 -4.64 22.67
N PHE A 445 19.35 -4.87 21.47
CA PHE A 445 19.54 -3.79 20.51
C PHE A 445 18.33 -3.46 19.65
N GLY A 446 18.23 -2.17 19.29
CA GLY A 446 17.27 -1.71 18.32
C GLY A 446 16.14 -0.97 18.95
N ASN A 447 15.06 -0.82 18.20
CA ASN A 447 13.85 -0.18 18.71
C ASN A 447 12.66 -0.97 18.23
N GLU A 448 11.46 -0.42 18.41
CA GLU A 448 10.23 -1.15 18.18
C GLU A 448 10.06 -1.58 16.71
N THR A 449 10.67 -0.87 15.78
CA THR A 449 10.47 -1.18 14.35
C THR A 449 11.64 -1.90 13.69
N THR A 450 12.63 -2.33 14.47
CA THR A 450 13.79 -2.98 13.86
C THR A 450 13.41 -4.21 13.02
N LEU A 451 12.51 -5.06 13.51
CA LEU A 451 12.18 -6.24 12.72
C LEU A 451 11.39 -5.86 11.48
N LEU A 452 10.53 -4.86 11.59
CA LEU A 452 9.84 -4.29 10.43
C LEU A 452 10.86 -3.86 9.35
N ASP A 453 11.97 -3.26 9.79
CA ASP A 453 12.98 -2.78 8.86
C ASP A 453 13.62 -3.97 8.13
N VAL A 454 13.86 -5.07 8.85
CA VAL A 454 14.39 -6.26 8.22
C VAL A 454 13.37 -6.85 7.20
N LEU A 455 12.09 -6.79 7.55
CA LEU A 455 11.08 -7.32 6.65
C LEU A 455 11.13 -6.54 5.33
N ARG A 456 11.20 -5.22 5.43
CA ARG A 456 11.22 -4.35 4.26
C ARG A 456 12.46 -4.68 3.44
N PHE A 457 13.57 -4.93 4.10
CA PHE A 457 14.81 -5.24 3.40
C PHE A 457 14.62 -6.49 2.54
N ILE A 458 14.01 -7.52 3.12
CA ILE A 458 13.86 -8.77 2.37
C ILE A 458 12.87 -8.58 1.24
N GLU A 459 11.80 -7.86 1.50
CA GLU A 459 10.81 -7.58 0.45
C GLU A 459 11.44 -6.86 -0.76
N GLU A 460 12.39 -5.99 -0.51
CA GLU A 460 13.01 -5.20 -1.59
C GLU A 460 14.14 -5.99 -2.25
N LYS A 461 14.75 -6.88 -1.47
CA LYS A 461 15.86 -7.77 -1.90
C LYS A 461 16.51 -7.37 -3.21
#